data_6AN4
#
_entry.id   6AN4
#
_cell.length_a   43.778
_cell.length_b   48.092
_cell.length_c   77.043
_cell.angle_alpha   90.000
_cell.angle_beta   90.000
_cell.angle_gamma   90.000
#
_symmetry.space_group_name_H-M   'P 21 21 21'
#
loop_
_entity.id
_entity.type
_entity.pdbx_description
1 polymer '2-amino-4-hydroxy-6-hydroxymethyldihydropteridine pyrophosphokinase'
2 non-polymer '((2-(2-amino-7,7-dimethyl-4-oxo-3,4,7,8-tetrahydropteridine-6-carboxamido)-N-(2-((((2R,3S,4R,5R)-5-(6-amino-9H-purin-9-yl)-3,4-dihydroxytetrahydrofuran-2-yl)methyl)amino)-2-oxoethyl)acetamido)methyl)phosphonic acid'
3 non-polymer 'CHLORIDE ION'
4 water water
#
_entity_poly.entity_id   1
_entity_poly.type   'polypeptide(L)'
_entity_poly.pdbx_seq_one_letter_code
;TVAYIAIGSNLASPLEQVNAALKALGDIPESHILTVSSFYRTPPLGPQDQPDYLNAAVALETSLAPEELLNHTQRIELQQ
GRVRKAERWGPRTLDLDIMLFGNEVINTERLTVPHYDMKNRGFMLWPLFEIAPELVFPDGEMLRQILHTRAFDKLNKW
;
_entity_poly.pdbx_strand_id   A
#
loop_
_chem_comp.id
_chem_comp.type
_chem_comp.name
_chem_comp.formula
CL non-polymer 'CHLORIDE ION' 'Cl -1'
J1F non-polymer '((2-(2-amino-7,7-dimethyl-4-oxo-3,4,7,8-tetrahydropteridine-6-carboxamido)-N-(2-((((2R,3S,4R,5R)-5-(6-amino-9H-purin-9-yl)-3,4-dihydroxytetrahydrofuran-2-yl)methyl)amino)-2-oxoethyl)acetamido)methyl)phosphonic acid' 'C24 H32 N13 O10 P'
#
# COMPACT_ATOMS: atom_id res chain seq x y z
N THR A 1 6.22 3.20 -15.08
CA THR A 1 4.99 3.64 -14.36
C THR A 1 5.19 3.45 -12.86
N VAL A 2 4.78 4.45 -12.09
CA VAL A 2 4.89 4.38 -10.63
C VAL A 2 3.64 3.72 -10.05
N ALA A 3 3.83 2.60 -9.37
CA ALA A 3 2.77 1.97 -8.61
C ALA A 3 2.94 2.32 -7.14
N TYR A 4 1.82 2.57 -6.48
CA TYR A 4 1.82 2.80 -5.03
C TYR A 4 1.19 1.59 -4.36
N ILE A 5 1.96 0.97 -3.47
CA ILE A 5 1.57 -0.28 -2.83
C ILE A 5 1.46 -0.05 -1.33
N ALA A 6 0.34 -0.50 -0.76
CA ALA A 6 0.13 -0.45 0.68
C ALA A 6 0.56 -1.78 1.29
N ILE A 7 1.18 -1.69 2.46
CA ILE A 7 1.65 -2.85 3.20
C ILE A 7 0.94 -2.88 4.55
N GLY A 8 0.42 -4.05 4.92
CA GLY A 8 -0.22 -4.23 6.20
C GLY A 8 0.08 -5.58 6.81
N SER A 9 0.33 -5.57 8.12
CA SER A 9 0.49 -6.80 8.88
C SER A 9 0.09 -6.51 10.31
N ASN A 10 -0.62 -7.46 10.95
CA ASN A 10 -0.90 -7.32 12.37
C ASN A 10 -0.51 -8.57 13.15
N LEU A 11 0.58 -9.20 12.74
CA LEU A 11 1.27 -10.16 13.58
C LEU A 11 1.79 -9.42 14.82
N ALA A 12 2.21 -10.16 15.83
CA ALA A 12 2.66 -9.53 17.07
C ALA A 12 3.94 -8.73 16.84
N SER A 13 4.88 -9.32 16.10
N SER A 13 4.88 -9.33 16.11
CA SER A 13 6.10 -8.63 15.71
CA SER A 13 6.10 -8.65 15.70
C SER A 13 6.13 -8.51 14.19
C SER A 13 6.10 -8.54 14.18
N PRO A 14 5.38 -7.54 13.64
CA PRO A 14 5.22 -7.43 12.19
C PRO A 14 6.43 -6.89 11.43
N LEU A 15 7.45 -6.42 12.14
CA LEU A 15 8.62 -5.85 11.46
C LEU A 15 9.31 -6.84 10.54
N GLU A 16 9.38 -8.09 10.95
CA GLU A 16 10.03 -9.11 10.13
C GLU A 16 9.32 -9.22 8.79
N GLN A 17 7.99 -9.25 8.82
CA GLN A 17 7.20 -9.39 7.61
C GLN A 17 7.33 -8.19 6.70
N VAL A 18 7.23 -7.00 7.29
CA VAL A 18 7.28 -5.77 6.53
C VAL A 18 8.68 -5.53 5.95
N ASN A 19 9.71 -5.75 6.77
CA ASN A 19 11.08 -5.66 6.29
C ASN A 19 11.32 -6.64 5.14
N ALA A 20 10.83 -7.87 5.32
CA ALA A 20 10.99 -8.91 4.30
C ALA A 20 10.25 -8.52 3.03
N ALA A 21 9.05 -7.96 3.20
CA ALA A 21 8.24 -7.55 2.06
C ALA A 21 8.95 -6.47 1.24
N LEU A 22 9.58 -5.53 1.92
CA LEU A 22 10.28 -4.44 1.24
C LEU A 22 11.46 -4.98 0.44
N LYS A 23 12.21 -5.91 1.03
N LYS A 23 12.19 -5.91 1.05
CA LYS A 23 13.32 -6.51 0.30
CA LYS A 23 13.31 -6.59 0.39
C LYS A 23 12.80 -7.23 -0.94
C LYS A 23 12.83 -7.27 -0.88
N ALA A 24 11.73 -8.00 -0.77
CA ALA A 24 11.17 -8.76 -1.89
C ALA A 24 10.61 -7.86 -2.98
N LEU A 25 10.01 -6.73 -2.59
CA LEU A 25 9.48 -5.79 -3.58
C LEU A 25 10.61 -5.24 -4.44
N GLY A 26 11.78 -5.06 -3.82
CA GLY A 26 12.95 -4.55 -4.52
C GLY A 26 13.55 -5.57 -5.47
N ASP A 27 13.18 -6.84 -5.30
CA ASP A 27 13.68 -7.90 -6.17
C ASP A 27 12.78 -8.16 -7.37
N ILE A 28 11.61 -7.51 -7.40
CA ILE A 28 10.71 -7.66 -8.54
C ILE A 28 11.41 -7.19 -9.80
N PRO A 29 11.33 -7.99 -10.90
CA PRO A 29 12.07 -7.62 -12.11
C PRO A 29 11.53 -6.37 -12.79
N GLU A 30 12.40 -5.68 -13.51
N GLU A 30 12.40 -5.67 -13.50
CA GLU A 30 12.05 -4.46 -14.22
CA GLU A 30 12.01 -4.47 -14.24
C GLU A 30 11.34 -3.46 -13.32
C GLU A 30 11.39 -3.41 -13.34
N SER A 31 11.75 -3.44 -12.06
CA SER A 31 11.13 -2.55 -11.07
C SER A 31 12.17 -2.00 -10.09
N HIS A 32 11.84 -0.85 -9.48
CA HIS A 32 12.73 -0.18 -8.53
C HIS A 32 11.92 0.50 -7.44
N ILE A 33 12.30 0.31 -6.19
CA ILE A 33 11.72 1.06 -5.08
C ILE A 33 12.22 2.50 -5.15
N LEU A 34 11.28 3.44 -5.20
CA LEU A 34 11.61 4.85 -5.23
C LEU A 34 11.66 5.41 -3.82
N THR A 35 10.59 5.19 -3.06
N THR A 35 10.58 5.17 -3.08
CA THR A 35 10.52 5.72 -1.70
CA THR A 35 10.40 5.70 -1.74
C THR A 35 9.57 4.90 -0.85
C THR A 35 9.66 4.70 -0.87
N VAL A 36 9.91 4.79 0.43
N VAL A 36 9.91 4.76 0.43
CA VAL A 36 9.11 4.05 1.39
CA VAL A 36 9.13 4.02 1.42
C VAL A 36 8.72 5.00 2.51
C VAL A 36 8.72 5.00 2.51
N SER A 37 7.48 4.87 2.98
CA SER A 37 7.00 5.71 4.06
C SER A 37 7.60 5.27 5.38
N SER A 38 7.31 6.02 6.44
CA SER A 38 7.58 5.54 7.79
C SER A 38 6.65 4.38 8.07
N PHE A 39 6.93 3.67 9.16
CA PHE A 39 6.10 2.56 9.61
C PHE A 39 5.15 3.08 10.69
N TYR A 40 3.86 2.76 10.56
CA TYR A 40 2.84 3.31 11.46
C TYR A 40 2.10 2.23 12.23
N ARG A 41 1.78 2.52 13.49
CA ARG A 41 0.97 1.64 14.32
C ARG A 41 -0.47 2.13 14.30
N THR A 42 -1.35 1.35 13.70
CA THR A 42 -2.72 1.79 13.46
C THR A 42 -3.73 0.82 14.08
N PRO A 43 -4.79 1.37 14.70
CA PRO A 43 -5.83 0.47 15.21
C PRO A 43 -6.58 -0.19 14.07
N PRO A 44 -7.00 -1.47 14.22
CA PRO A 44 -7.72 -2.11 13.13
C PRO A 44 -9.04 -1.42 12.81
N LEU A 45 -9.28 -1.17 11.53
CA LEU A 45 -10.55 -0.62 11.06
C LEU A 45 -11.42 -1.78 10.59
N GLY A 46 -12.47 -2.05 11.37
CA GLY A 46 -13.34 -3.19 11.12
C GLY A 46 -13.67 -3.84 12.46
N PRO A 47 -13.27 -5.12 12.63
CA PRO A 47 -13.41 -5.71 13.97
C PRO A 47 -12.30 -5.21 14.90
N GLN A 48 -12.62 -5.05 16.18
CA GLN A 48 -11.69 -4.42 17.13
C GLN A 48 -10.99 -5.40 18.06
N ASP A 49 -11.34 -6.68 17.97
CA ASP A 49 -10.74 -7.70 18.83
C ASP A 49 -9.47 -8.29 18.20
N GLN A 50 -8.75 -7.48 17.42
CA GLN A 50 -7.51 -7.92 16.79
C GLN A 50 -6.36 -6.98 17.13
N PRO A 51 -5.11 -7.44 16.93
CA PRO A 51 -3.94 -6.61 17.25
C PRO A 51 -3.80 -5.43 16.30
N ASP A 52 -3.07 -4.41 16.74
CA ASP A 52 -2.81 -3.25 15.91
C ASP A 52 -2.02 -3.65 14.67
N TYR A 53 -2.23 -2.89 13.60
CA TYR A 53 -1.52 -3.08 12.35
C TYR A 53 -0.23 -2.29 12.32
N LEU A 54 0.77 -2.81 11.62
CA LEU A 54 1.85 -1.99 11.08
C LEU A 54 1.48 -1.70 9.63
N ASN A 55 1.36 -0.42 9.31
CA ASN A 55 1.04 0.01 7.95
C ASN A 55 2.15 0.87 7.35
N ALA A 56 2.36 0.70 6.04
CA ALA A 56 3.30 1.53 5.31
C ALA A 56 2.91 1.57 3.84
N ALA A 57 3.51 2.51 3.12
CA ALA A 57 3.30 2.64 1.68
C ALA A 57 4.64 2.69 0.97
N VAL A 58 4.66 2.22 -0.27
N VAL A 58 4.68 2.19 -0.26
N VAL A 58 4.69 2.23 -0.26
CA VAL A 58 5.84 2.16 -1.12
CA VAL A 58 5.88 2.26 -1.07
CA VAL A 58 5.92 2.26 -1.05
C VAL A 58 5.52 2.74 -2.48
C VAL A 58 5.53 2.74 -2.46
C VAL A 58 5.63 2.60 -2.51
N ALA A 59 6.47 3.46 -3.07
CA ALA A 59 6.37 3.86 -4.45
C ALA A 59 7.35 2.99 -5.22
N LEU A 60 6.82 2.26 -6.20
CA LEU A 60 7.60 1.32 -6.99
C LEU A 60 7.50 1.68 -8.46
N GLU A 61 8.63 2.05 -9.07
CA GLU A 61 8.68 2.25 -10.51
C GLU A 61 8.72 0.87 -11.14
N THR A 62 7.94 0.67 -12.19
CA THR A 62 7.91 -0.64 -12.85
C THR A 62 7.50 -0.55 -14.32
N SER A 63 8.11 -1.42 -15.12
CA SER A 63 7.74 -1.57 -16.51
C SER A 63 6.76 -2.73 -16.69
N LEU A 64 6.50 -3.46 -15.61
CA LEU A 64 5.56 -4.58 -15.65
C LEU A 64 4.15 -4.10 -15.92
N ALA A 65 3.35 -4.95 -16.56
CA ALA A 65 1.93 -4.70 -16.68
C ALA A 65 1.33 -4.85 -15.28
N PRO A 66 0.21 -4.15 -15.01
CA PRO A 66 -0.35 -4.16 -13.65
C PRO A 66 -0.63 -5.56 -13.13
N GLU A 67 -1.14 -6.45 -13.98
N GLU A 67 -1.25 -6.40 -13.94
CA GLU A 67 -1.36 -7.84 -13.59
CA GLU A 67 -1.63 -7.74 -13.50
C GLU A 67 -0.07 -8.60 -13.28
C GLU A 67 -0.39 -8.61 -13.29
N GLU A 68 1.00 -8.34 -14.02
N GLU A 68 0.70 -8.26 -13.96
CA GLU A 68 2.28 -8.97 -13.73
CA GLU A 68 1.98 -8.92 -13.71
C GLU A 68 2.85 -8.45 -12.43
C GLU A 68 2.53 -8.51 -12.34
N LEU A 69 2.52 -7.21 -12.07
CA LEU A 69 2.91 -6.69 -10.76
C LEU A 69 2.13 -7.43 -9.67
N LEU A 70 0.83 -7.62 -9.91
CA LEU A 70 -0.02 -8.34 -8.97
C LEU A 70 0.48 -9.76 -8.75
N ASN A 71 0.90 -10.44 -9.83
CA ASN A 71 1.46 -11.77 -9.68
C ASN A 71 2.62 -11.75 -8.69
N HIS A 72 3.47 -10.73 -8.79
CA HIS A 72 4.65 -10.65 -7.97
C HIS A 72 4.32 -10.31 -6.52
N THR A 73 3.35 -9.43 -6.29
CA THR A 73 2.99 -9.11 -4.91
C THR A 73 2.28 -10.29 -4.25
N GLN A 74 1.44 -10.99 -5.01
CA GLN A 74 0.78 -12.18 -4.48
C GLN A 74 1.81 -13.26 -4.14
N ARG A 75 2.84 -13.38 -4.96
CA ARG A 75 3.93 -14.33 -4.70
C ARG A 75 4.59 -14.01 -3.36
N ILE A 76 4.90 -12.74 -3.14
CA ILE A 76 5.52 -12.31 -1.89
C ILE A 76 4.64 -12.64 -0.69
N GLU A 77 3.34 -12.38 -0.79
CA GLU A 77 2.41 -12.71 0.28
C GLU A 77 2.43 -14.20 0.58
N LEU A 78 2.37 -15.01 -0.47
CA LEU A 78 2.38 -16.47 -0.33
C LEU A 78 3.63 -16.96 0.36
N GLN A 79 4.77 -16.40 -0.03
CA GLN A 79 6.06 -16.85 0.46
C GLN A 79 6.32 -16.45 1.91
N GLN A 80 5.54 -15.50 2.40
CA GLN A 80 5.70 -15.05 3.78
C GLN A 80 4.63 -15.64 4.70
N GLY A 81 3.62 -16.27 4.10
CA GLY A 81 2.68 -17.09 4.87
C GLY A 81 1.21 -16.92 4.53
N ARG A 82 0.89 -15.90 3.73
CA ARG A 82 -0.50 -15.64 3.39
C ARG A 82 -1.06 -16.78 2.54
N VAL A 83 -2.19 -17.35 2.98
CA VAL A 83 -2.84 -18.42 2.25
C VAL A 83 -4.34 -18.40 2.47
N PRO A 91 -4.52 -13.55 12.87
CA PRO A 91 -4.23 -12.22 12.33
C PRO A 91 -3.73 -12.28 10.88
N ARG A 92 -3.43 -11.12 10.30
CA ARG A 92 -2.95 -11.05 8.93
C ARG A 92 -1.43 -10.96 8.88
N THR A 93 -0.80 -11.97 8.27
CA THR A 93 0.65 -12.02 8.15
C THR A 93 1.20 -10.89 7.29
N LEU A 94 0.60 -10.71 6.12
CA LEU A 94 1.05 -9.69 5.18
C LEU A 94 0.05 -9.53 4.05
N ASP A 95 -0.52 -8.34 3.94
CA ASP A 95 -1.33 -7.98 2.80
C ASP A 95 -0.64 -6.87 2.01
N LEU A 96 -0.51 -7.10 0.71
CA LEU A 96 0.02 -6.10 -0.22
C LEU A 96 -1.08 -5.68 -1.16
N ASP A 97 -1.50 -4.43 -1.03
CA ASP A 97 -2.56 -3.87 -1.86
C ASP A 97 -1.99 -2.87 -2.84
N ILE A 98 -2.22 -3.10 -4.13
CA ILE A 98 -1.91 -2.11 -5.14
C ILE A 98 -2.97 -1.01 -5.07
N MET A 99 -2.56 0.16 -4.59
CA MET A 99 -3.46 1.30 -4.45
C MET A 99 -3.68 2.04 -5.75
N LEU A 100 -2.58 2.36 -6.43
CA LEU A 100 -2.61 3.14 -7.66
C LEU A 100 -1.57 2.61 -8.63
N PHE A 101 -1.85 2.72 -9.92
CA PHE A 101 -0.91 2.29 -10.95
C PHE A 101 -0.86 3.37 -12.02
N GLY A 102 0.11 4.27 -11.88
CA GLY A 102 0.17 5.45 -12.72
C GLY A 102 -1.13 6.21 -12.61
N ASN A 103 -1.68 6.60 -13.76
CA ASN A 103 -2.98 7.27 -13.80
C ASN A 103 -4.10 6.31 -14.21
N GLU A 104 -3.79 5.01 -14.24
CA GLU A 104 -4.73 4.03 -14.78
C GLU A 104 -5.92 3.77 -13.86
N VAL A 105 -7.07 3.57 -14.49
CA VAL A 105 -8.24 3.04 -13.82
C VAL A 105 -8.47 1.65 -14.39
N ILE A 106 -8.47 0.66 -13.51
CA ILE A 106 -8.59 -0.74 -13.91
C ILE A 106 -9.78 -1.36 -13.21
N ASN A 107 -10.61 -2.08 -13.98
CA ASN A 107 -11.76 -2.78 -13.43
C ASN A 107 -11.92 -4.14 -14.09
N THR A 108 -10.99 -5.04 -13.77
CA THR A 108 -10.99 -6.40 -14.29
C THR A 108 -11.42 -7.37 -13.20
N GLU A 109 -11.30 -8.66 -13.46
N GLU A 109 -11.31 -8.65 -13.50
CA GLU A 109 -11.62 -9.67 -12.47
CA GLU A 109 -11.58 -9.70 -12.52
C GLU A 109 -10.52 -9.82 -11.43
C GLU A 109 -10.56 -9.63 -11.39
N ARG A 110 -9.31 -9.40 -11.78
N ARG A 110 -9.31 -9.41 -11.76
CA ARG A 110 -8.15 -9.50 -10.88
CA ARG A 110 -8.20 -9.51 -10.81
C ARG A 110 -7.87 -8.20 -10.15
C ARG A 110 -7.84 -8.18 -10.14
N LEU A 111 -8.12 -7.07 -10.81
CA LEU A 111 -7.75 -5.75 -10.28
C LEU A 111 -8.86 -4.71 -10.31
N THR A 112 -9.04 -4.03 -9.19
CA THR A 112 -9.75 -2.76 -9.13
C THR A 112 -8.77 -1.69 -8.65
N VAL A 113 -8.41 -0.80 -9.57
CA VAL A 113 -7.49 0.30 -9.31
C VAL A 113 -8.14 1.61 -9.78
N PRO A 114 -8.12 2.66 -8.96
CA PRO A 114 -7.60 2.73 -7.58
C PRO A 114 -8.26 1.74 -6.64
N HIS A 115 -7.54 1.32 -5.61
CA HIS A 115 -8.08 0.38 -4.62
C HIS A 115 -9.45 0.86 -4.17
N TYR A 116 -10.41 -0.05 -4.15
CA TYR A 116 -11.83 0.33 -4.04
C TYR A 116 -12.15 1.11 -2.77
N ASP A 117 -11.35 0.93 -1.72
CA ASP A 117 -11.66 1.50 -0.41
C ASP A 117 -10.61 2.46 0.14
N MET A 118 -9.55 2.72 -0.62
CA MET A 118 -8.42 3.49 -0.07
C MET A 118 -8.81 4.89 0.37
N LYS A 119 -9.77 5.51 -0.32
CA LYS A 119 -10.19 6.86 0.03
C LYS A 119 -10.93 6.88 1.37
N ASN A 120 -11.31 5.71 1.87
CA ASN A 120 -11.98 5.58 3.15
C ASN A 120 -11.04 5.17 4.30
N ARG A 121 -9.76 4.98 3.99
CA ARG A 121 -8.82 4.40 4.95
C ARG A 121 -7.63 5.33 5.25
N GLY A 122 -7.65 5.94 6.43
CA GLY A 122 -6.56 6.80 6.87
C GLY A 122 -5.23 6.06 6.92
N PHE A 123 -5.28 4.79 7.26
CA PHE A 123 -4.06 3.99 7.37
C PHE A 123 -3.44 3.68 6.00
N MET A 124 -4.20 3.92 4.93
CA MET A 124 -3.65 3.89 3.57
C MET A 124 -3.24 5.29 3.11
N LEU A 125 -4.09 6.28 3.37
CA LEU A 125 -3.88 7.62 2.80
C LEU A 125 -2.73 8.39 3.45
N TRP A 126 -2.57 8.28 4.77
CA TRP A 126 -1.51 9.03 5.45
C TRP A 126 -0.11 8.57 5.05
N PRO A 127 0.14 7.25 5.02
CA PRO A 127 1.48 6.85 4.56
C PRO A 127 1.72 7.23 3.09
N LEU A 128 0.68 7.14 2.28
CA LEU A 128 0.78 7.56 0.88
C LEU A 128 1.11 9.06 0.79
N PHE A 129 0.48 9.86 1.64
CA PHE A 129 0.72 11.30 1.65
C PHE A 129 2.17 11.61 2.02
N GLU A 130 2.75 10.80 2.88
CA GLU A 130 4.14 11.01 3.29
C GLU A 130 5.07 10.93 2.10
N ILE A 131 4.81 9.98 1.20
CA ILE A 131 5.71 9.74 0.07
C ILE A 131 5.26 10.41 -1.22
N ALA A 132 4.03 10.90 -1.25
CA ALA A 132 3.48 11.55 -2.45
C ALA A 132 2.53 12.69 -2.08
N PRO A 133 3.05 13.74 -1.44
CA PRO A 133 2.18 14.81 -0.93
C PRO A 133 1.38 15.55 -2.00
N GLU A 134 1.89 15.62 -3.23
CA GLU A 134 1.21 16.34 -4.30
C GLU A 134 0.36 15.42 -5.17
N LEU A 135 0.15 14.19 -4.71
CA LEU A 135 -0.56 13.19 -5.51
C LEU A 135 -1.96 13.65 -5.90
N VAL A 136 -2.30 13.40 -7.16
CA VAL A 136 -3.64 13.63 -7.70
C VAL A 136 -4.20 12.31 -8.20
N PHE A 137 -5.41 11.98 -7.80
CA PHE A 137 -6.06 10.75 -8.22
C PHE A 137 -6.52 10.85 -9.68
N PRO A 138 -6.83 9.71 -10.30
CA PRO A 138 -7.30 9.70 -11.69
C PRO A 138 -8.54 10.58 -11.91
N ASP A 139 -9.33 10.82 -10.88
CA ASP A 139 -10.53 11.65 -11.00
C ASP A 139 -10.27 13.14 -10.73
N GLY A 140 -9.00 13.50 -10.57
CA GLY A 140 -8.61 14.89 -10.39
C GLY A 140 -8.58 15.38 -8.96
N GLU A 141 -9.04 14.54 -8.03
CA GLU A 141 -9.03 14.92 -6.60
C GLU A 141 -7.63 14.82 -6.04
N MET A 142 -7.22 15.81 -5.26
N MET A 142 -7.24 15.81 -5.25
CA MET A 142 -5.91 15.79 -4.63
CA MET A 142 -5.95 15.81 -4.59
C MET A 142 -5.95 15.03 -3.31
C MET A 142 -6.01 14.95 -3.33
N LEU A 143 -4.94 14.20 -3.09
CA LEU A 143 -4.80 13.44 -1.87
C LEU A 143 -4.88 14.36 -0.65
N ARG A 144 -4.21 15.51 -0.73
N ARG A 144 -4.21 15.51 -0.74
CA ARG A 144 -4.20 16.47 0.36
CA ARG A 144 -4.19 16.48 0.36
C ARG A 144 -5.63 16.91 0.70
C ARG A 144 -5.60 16.95 0.69
N GLN A 145 -6.43 17.11 -0.33
CA GLN A 145 -7.81 17.56 -0.15
C GLN A 145 -8.68 16.47 0.49
N ILE A 146 -8.51 15.23 0.04
CA ILE A 146 -9.26 14.12 0.60
C ILE A 146 -8.99 13.97 2.10
N LEU A 147 -7.73 14.04 2.49
CA LEU A 147 -7.36 13.92 3.89
C LEU A 147 -7.99 15.02 4.71
N HIS A 148 -8.03 16.22 4.14
CA HIS A 148 -8.65 17.37 4.81
C HIS A 148 -10.15 17.16 4.98
N THR A 149 -10.82 16.77 3.89
CA THR A 149 -12.27 16.61 3.91
C THR A 149 -12.72 15.55 4.90
N ARG A 150 -12.04 14.40 4.89
CA ARG A 150 -12.44 13.28 5.74
C ARG A 150 -11.94 13.45 7.17
N ALA A 151 -10.97 14.33 7.37
CA ALA A 151 -10.40 14.60 8.69
C ALA A 151 -9.93 13.31 9.36
N PHE A 152 -9.27 12.45 8.59
CA PHE A 152 -8.66 11.26 9.17
C PHE A 152 -7.57 11.69 10.13
N ASP A 153 -7.64 11.20 11.36
N ASP A 153 -7.60 11.17 11.35
CA ASP A 153 -6.65 11.51 12.37
CA ASP A 153 -6.58 11.49 12.34
C ASP A 153 -5.27 11.02 11.96
C ASP A 153 -5.18 11.11 11.85
N LYS A 154 -4.26 11.86 12.16
N LYS A 154 -4.19 11.91 12.24
CA LYS A 154 -2.89 11.53 11.79
CA LYS A 154 -2.80 11.61 11.90
C LYS A 154 -2.43 10.29 12.55
C LYS A 154 -2.36 10.33 12.60
N LEU A 155 -1.42 9.61 12.01
CA LEU A 155 -0.97 8.33 12.53
C LEU A 155 0.24 8.46 13.45
N ASN A 156 0.44 7.43 14.26
CA ASN A 156 1.59 7.33 15.14
C ASN A 156 2.60 6.34 14.57
N LYS A 157 3.87 6.71 14.57
CA LYS A 157 4.92 5.80 14.10
C LYS A 157 5.02 4.57 14.99
N TRP A 158 5.36 3.45 14.37
CA TRP A 158 5.47 2.17 15.07
C TRP A 158 6.54 2.23 16.15
C01 J1F B . -9.37 -6.46 0.13
C1 J1F B . -5.14 -9.02 -1.58
C10 J1F B . -4.79 -8.25 -0.28
C11 J1F B . -6.81 -8.51 1.15
C12 J1F B . -8.06 -7.87 1.72
C13 J1F B . -7.69 -5.37 1.65
C14 J1F B . -6.58 -5.52 2.73
C15 J1F B . -7.68 -4.98 4.86
C16 J1F B . -5.82 -1.31 9.65
C17 J1F B . -4.91 -2.37 7.64
C18 J1F B . -7.62 -4.09 6.09
C19 J1F B . -8.78 -4.12 7.07
C2 J1F B . -3.85 -9.51 -2.27
C20 J1F B . -8.84 -5.53 7.70
C21 J1F B . -10.10 -3.69 6.44
C22 J1F B . -7.25 -2.65 8.42
C23 J1F B . -6.23 -2.93 7.50
C3 J1F B . -4.20 -9.45 -3.77
C4 J1F B . -5.42 -8.49 -3.79
C5 J1F B . -4.08 -6.30 -4.22
C6 J1F B . -5.52 -5.30 -5.51
C7 J1F B . -6.28 -4.46 -6.32
C8 J1F B . -7.94 -6.10 -6.37
C9 J1F B . -6.11 -6.54 -5.18
N02 J1F B . -5.98 -7.74 0.33
N1 J1F B . -5.18 -7.18 -4.38
N10 J1F B . -4.77 -1.53 8.78
N11 J1F B . -6.41 -3.74 6.40
N12 J1F B . -8.48 -3.20 8.23
N2 J1F B . -4.26 -5.16 -4.90
N3 J1F B . -5.78 -3.24 -6.68
N4 J1F B . -7.51 -4.86 -6.77
N5 J1F B . -7.33 -6.99 -5.59
N6 J1F B . -8.34 -6.52 1.19
N7 J1F B . -6.69 -4.73 3.94
N8 J1F B . -7.06 -1.82 9.54
N9 J1F B . -5.57 -0.47 10.73
O01 J1F B . -6.49 -9.69 1.39
OP2 J1F B . -11.23 -5.12 1.60
OP3 J1F B . -11.93 -6.52 -0.47
OP1 J1F B . -11.25 -7.68 1.70
O1 J1F B . -5.78 -8.15 -2.48
O2 J1F B . -3.54 -10.82 -1.91
O3 J1F B . -4.58 -10.70 -4.24
O4 J1F B . -8.54 -5.83 4.70
O5 J1F B . -3.91 -2.50 6.94
O6 J1F B . -7.89 -4.24 1.22
P01 J1F B . -11.17 -6.43 0.85
H23 J1F B . -9.22 -7.30 -0.56
H05 J1F B . -9.21 -5.55 -0.48
H06 J1F B . -5.86 -9.85 -1.36
H26 J1F B . -4.28 -8.97 0.39
H17 J1F B . -4.12 -7.40 -0.48
H27 J1F B . -7.92 -7.87 2.82
H18 J1F B . -8.91 -8.55 1.51
H20 J1F B . -6.43 -6.58 3.04
H28 J1F B . -5.63 -5.22 2.25
H07 J1F B . -2.97 -8.87 -2.03
H29 J1F B . -7.96 -5.73 8.31
H31 J1F B . -8.87 -6.32 6.92
H21 J1F B . -9.73 -5.68 8.30
H22 J1F B . -10.67 -2.97 7.05
H30 J1F B . -10.78 -4.54 6.28
H04 J1F B . -9.99 -3.22 5.46
H11 J1F B . -3.35 -9.15 -4.42
H14 J1F B . -6.30 -8.96 -4.34
H02 J1F B . -3.22 -6.56 -3.63
H03 J1F B . -8.93 -6.41 -6.72
H08 J1F B . -6.24 -6.77 0.12
H01 J1F B . -3.86 -1.10 8.94
H19 J1F B . -9.23 -3.02 8.88
H12 J1F B . -4.94 -2.92 -6.25
H24 J1F B . -6.24 -2.68 -7.35
H15 J1F B . -5.98 -4.04 4.11
H16 J1F B . -6.31 0.00 11.21
H25 J1F B . -4.64 -0.33 11.04
H10 J1F B . -3.95 -11.00 -1.06
H13 J1F B . -5.29 -11.02 -3.70
CL CL C . 10.07 -17.76 -3.76
#